data_3F9A
#
_entry.id   3F9A
#
_cell.length_a   54.431
_cell.length_b   58.263
_cell.length_c   90.622
_cell.angle_alpha   90.000
_cell.angle_beta   90.000
_cell.angle_gamma   90.000
#
_symmetry.space_group_name_H-M   'P 21 21 21'
#
loop_
_entity.id
_entity.type
_entity.pdbx_description
1 polymer 'Tyrosine-protein phosphatase yopH'
2 non-polymer TUNGSTATE(VI)ION
3 water water
#
_entity_poly.entity_id   1
_entity_poly.type   'polypeptide(L)'
_entity_poly.pdbx_seq_one_letter_code
;MRERPHTSGHHGAGEARATAPSTVSPYGPEARAELSSRLTTLRNTLAPATNDPRYLQACGGEKLNRFRDIQCRRQTAVRA
DLNANYIQVGNTRTIACQYPLQSQLESHFRMLAENRTPVLAVLASSSEIANQRFGMPDYFRQSGTYGSITVESKMTQQVG
LGDGIMADMYTLTIREAGQKTISVPVVHVGNFPDQTAVSSEVTKALASLVDQTAETKRNMYESKGSSAVADDSKLRPVIH
CRAGVGRTAQLIGAMCMNDSRNSQLSVEDMVSQMRVQRNGIMVQKDEQLDVLIKLAEGQGRPLLNS
;
_entity_poly.pdbx_strand_id   A
#
loop_
_chem_comp.id
_chem_comp.type
_chem_comp.name
_chem_comp.formula
WO4 non-polymer TUNGSTATE(VI)ION 'O4 W -2'
#
# COMPACT_ATOMS: atom_id res chain seq x y z
N SER A 25 4.58 25.92 17.62
CA SER A 25 3.62 26.53 16.65
C SER A 25 3.48 25.77 15.31
N PRO A 26 4.61 25.33 14.70
CA PRO A 26 4.43 24.53 13.48
C PRO A 26 3.78 23.17 13.73
N TYR A 27 3.90 22.66 14.95
CA TYR A 27 3.29 21.38 15.33
C TYR A 27 2.26 21.55 16.44
N GLY A 28 1.86 22.79 16.69
CA GLY A 28 0.87 23.10 17.72
C GLY A 28 -0.54 22.65 17.35
N PRO A 29 -1.48 22.75 18.30
CA PRO A 29 -2.86 22.36 18.00
C PRO A 29 -3.52 23.14 16.85
N GLU A 30 -3.18 24.42 16.68
CA GLU A 30 -3.81 25.21 15.61
C GLU A 30 -3.33 24.81 14.23
N ALA A 31 -2.04 24.51 14.12
CA ALA A 31 -1.47 23.95 12.88
C ALA A 31 -2.10 22.59 12.58
N ARG A 32 -2.25 21.76 13.62
CA ARG A 32 -2.85 20.44 13.42
C ARG A 32 -4.32 20.55 13.00
N ALA A 33 -5.05 21.50 13.60
CA ALA A 33 -6.45 21.76 13.20
C ALA A 33 -6.55 22.26 11.76
N GLU A 34 -5.59 23.11 11.37
CA GLU A 34 -5.57 23.68 10.03
C GLU A 34 -5.30 22.57 9.01
N LEU A 35 -4.38 21.67 9.34
CA LEU A 35 -4.09 20.52 8.48
C LEU A 35 -5.35 19.67 8.31
N SER A 36 -6.00 19.36 9.43
CA SER A 36 -7.26 18.63 9.40
C SER A 36 -8.34 19.31 8.56
N SER A 37 -8.49 20.64 8.70
CA SER A 37 -9.45 21.40 7.91
C SER A 37 -9.19 21.21 6.41
N ARG A 38 -7.93 21.37 6.00
CA ARG A 38 -7.60 21.25 4.58
C ARG A 38 -7.89 19.84 4.05
N LEU A 39 -7.52 18.85 4.85
CA LEU A 39 -7.70 17.46 4.43
C LEU A 39 -9.16 17.05 4.37
N THR A 40 -9.97 17.57 5.29
CA THR A 40 -11.41 17.29 5.30
C THR A 40 -12.08 17.86 4.06
N THR A 41 -11.71 19.09 3.70
CA THR A 41 -12.23 19.70 2.48
C THR A 41 -11.92 18.84 1.25
N LEU A 42 -10.68 18.35 1.18
CA LEU A 42 -10.25 17.48 0.09
C LEU A 42 -11.04 16.17 0.03
N ARG A 43 -11.23 15.53 1.18
CA ARG A 43 -12.02 14.31 1.25
C ARG A 43 -13.44 14.53 0.67
N ASN A 44 -14.06 15.65 1.06
CA ASN A 44 -15.38 15.99 0.54
C ASN A 44 -15.41 16.19 -0.96
N THR A 45 -14.42 16.94 -1.46
CA THR A 45 -14.29 17.17 -2.90
C THR A 45 -14.14 15.86 -3.65
N LEU A 46 -13.39 14.93 -3.06
CA LEU A 46 -13.08 13.67 -3.74
C LEU A 46 -14.11 12.55 -3.48
N ALA A 47 -15.16 12.83 -2.73
CA ALA A 47 -16.21 11.83 -2.47
C ALA A 47 -16.81 11.38 -3.81
N PRO A 48 -16.99 10.05 -4.00
CA PRO A 48 -17.47 9.63 -5.32
C PRO A 48 -18.96 9.92 -5.56
N ALA A 49 -19.26 10.46 -6.74
CA ALA A 49 -20.64 10.59 -7.19
C ALA A 49 -21.07 9.26 -7.81
N THR A 50 -22.37 9.12 -8.09
CA THR A 50 -22.84 7.98 -8.87
C THR A 50 -22.17 7.99 -10.23
N ASN A 51 -21.58 6.86 -10.59
CA ASN A 51 -20.87 6.70 -11.87
C ASN A 51 -19.82 7.81 -12.08
N ASP A 52 -19.07 8.09 -11.02
CA ASP A 52 -18.11 9.19 -11.03
C ASP A 52 -17.03 8.97 -12.09
N PRO A 53 -16.85 9.93 -13.02
CA PRO A 53 -15.83 9.79 -14.07
C PRO A 53 -14.39 9.69 -13.52
N ARG A 54 -14.20 10.11 -12.28
CA ARG A 54 -12.87 10.07 -11.67
C ARG A 54 -12.53 8.69 -11.11
N TYR A 55 -13.53 7.80 -11.00
CA TYR A 55 -13.33 6.53 -10.32
C TYR A 55 -13.63 5.33 -11.20
N LEU A 56 -12.85 4.27 -10.99
CA LEU A 56 -12.99 3.05 -11.77
C LEU A 56 -14.32 2.39 -11.51
N GLN A 57 -15.02 2.03 -12.59
CA GLN A 57 -16.34 1.38 -12.50
C GLN A 57 -16.19 -0.07 -12.94
N ALA A 58 -16.92 -0.96 -12.27
CA ALA A 58 -16.84 -2.38 -12.57
C ALA A 58 -17.26 -2.67 -13.99
N CYS A 59 -16.50 -3.50 -14.69
CA CYS A 59 -17.01 -4.09 -15.91
C CYS A 59 -17.29 -5.59 -15.73
N GLY A 60 -18.29 -6.09 -16.44
CA GLY A 60 -18.55 -7.53 -16.52
C GLY A 60 -19.47 -8.13 -15.47
N GLY A 61 -19.90 -7.32 -14.50
CA GLY A 61 -20.82 -7.79 -13.46
C GLY A 61 -20.17 -8.31 -12.17
N GLU A 62 -18.86 -8.53 -12.18
CA GLU A 62 -18.15 -8.99 -10.98
C GLU A 62 -17.95 -7.81 -10.03
N LYS A 63 -17.96 -8.08 -8.73
CA LYS A 63 -17.73 -7.06 -7.72
C LYS A 63 -16.29 -6.56 -7.88
N LEU A 64 -16.13 -5.25 -7.86
CA LEU A 64 -14.82 -4.64 -8.00
C LEU A 64 -14.30 -4.13 -6.65
N ASN A 65 -15.14 -3.34 -5.97
CA ASN A 65 -14.74 -2.72 -4.70
C ASN A 65 -15.12 -3.58 -3.50
N ARG A 66 -14.14 -3.84 -2.63
CA ARG A 66 -14.40 -4.60 -1.39
C ARG A 66 -15.40 -3.85 -0.51
N PHE A 67 -15.31 -2.52 -0.54
CA PHE A 67 -16.21 -1.63 0.19
C PHE A 67 -16.78 -0.59 -0.80
N ARG A 68 -18.12 -0.45 -0.83
CA ARG A 68 -18.78 0.36 -1.86
C ARG A 68 -18.32 1.81 -1.90
N ASP A 69 -17.96 2.32 -0.73
CA ASP A 69 -17.54 3.71 -0.52
C ASP A 69 -16.02 3.94 -0.65
N ILE A 70 -15.27 2.86 -0.90
CA ILE A 70 -13.81 2.98 -1.03
C ILE A 70 -13.41 2.63 -2.45
N GLN A 71 -13.31 3.67 -3.28
CA GLN A 71 -13.16 3.48 -4.71
C GLN A 71 -11.75 3.73 -5.22
N CYS A 72 -11.55 3.44 -6.49
CA CYS A 72 -10.21 3.38 -7.05
C CYS A 72 -10.11 4.46 -8.12
N ARG A 73 -9.23 5.45 -7.89
CA ARG A 73 -9.05 6.51 -8.88
C ARG A 73 -8.77 5.94 -10.27
N ARG A 74 -9.54 6.35 -11.26
CA ARG A 74 -9.45 5.75 -12.58
C ARG A 74 -8.12 6.03 -13.29
N GLN A 75 -7.67 7.28 -13.26
CA GLN A 75 -6.50 7.66 -14.05
C GLN A 75 -5.19 7.02 -13.55
N THR A 76 -5.18 6.55 -12.30
CA THR A 76 -3.98 5.92 -11.74
C THR A 76 -4.20 4.45 -11.46
N ALA A 77 -5.31 3.90 -11.94
CA ALA A 77 -5.62 2.48 -11.71
C ALA A 77 -4.62 1.59 -12.42
N VAL A 78 -4.23 0.51 -11.75
CA VAL A 78 -3.22 -0.41 -12.28
C VAL A 78 -3.85 -1.36 -13.29
N ARG A 79 -5.02 -1.88 -12.95
CA ARG A 79 -5.75 -2.84 -13.80
C ARG A 79 -7.24 -2.56 -13.75
N ALA A 80 -7.93 -2.79 -14.88
CA ALA A 80 -9.37 -2.48 -14.98
C ALA A 80 -10.27 -3.27 -14.02
N ASP A 81 -9.77 -4.39 -13.51
CA ASP A 81 -10.56 -5.27 -12.66
C ASP A 81 -9.99 -5.38 -11.24
N LEU A 82 -9.15 -4.42 -10.84
CA LEU A 82 -8.62 -4.39 -9.47
C LEU A 82 -8.87 -3.03 -8.86
N ASN A 83 -9.06 -3.01 -7.55
CA ASN A 83 -9.08 -1.78 -6.76
C ASN A 83 -7.64 -1.61 -6.27
N ALA A 84 -6.87 -0.87 -7.08
CA ALA A 84 -5.42 -0.73 -6.92
C ALA A 84 -4.96 0.50 -7.67
N ASN A 85 -4.02 1.26 -7.08
CA ASN A 85 -3.58 2.54 -7.69
C ASN A 85 -2.08 2.75 -7.61
N TYR A 86 -1.53 3.26 -8.70
CA TYR A 86 -0.19 3.82 -8.67
C TYR A 86 -0.25 5.07 -7.80
N ILE A 87 0.68 5.19 -6.85
CA ILE A 87 0.80 6.42 -6.07
C ILE A 87 2.24 6.89 -6.08
N GLN A 88 2.41 8.20 -6.28
CA GLN A 88 3.71 8.83 -6.12
C GLN A 88 3.54 9.94 -5.11
N VAL A 89 4.30 9.82 -4.02
CA VAL A 89 4.30 10.80 -2.94
C VAL A 89 5.68 11.45 -2.93
N GLY A 90 5.73 12.70 -3.39
CA GLY A 90 7.02 13.35 -3.68
C GLY A 90 7.68 12.60 -4.81
N ASN A 91 8.77 11.89 -4.49
CA ASN A 91 9.50 11.04 -5.45
C ASN A 91 9.23 9.54 -5.29
N THR A 92 8.51 9.19 -4.22
CA THR A 92 8.36 7.80 -3.81
C THR A 92 7.21 7.13 -4.54
N ARG A 93 7.53 6.11 -5.33
CA ARG A 93 6.55 5.39 -6.17
C ARG A 93 6.17 4.05 -5.56
N THR A 94 4.86 3.86 -5.37
CA THR A 94 4.31 2.62 -4.84
C THR A 94 3.00 2.25 -5.57
N ILE A 95 2.46 1.10 -5.20
CA ILE A 95 1.08 0.74 -5.51
C ILE A 95 0.36 0.48 -4.18
N ALA A 96 -0.80 1.10 -4.02
CA ALA A 96 -1.70 0.86 -2.90
C ALA A 96 -2.93 0.17 -3.40
N CYS A 97 -3.38 -0.88 -2.70
CA CYS A 97 -4.58 -1.59 -3.16
C CYS A 97 -5.43 -2.14 -2.02
N GLN A 98 -6.63 -2.62 -2.34
CA GLN A 98 -7.41 -3.34 -1.33
C GLN A 98 -6.89 -4.77 -1.25
N TYR A 99 -7.30 -5.46 -0.20
CA TYR A 99 -7.02 -6.89 -0.12
C TYR A 99 -7.83 -7.49 -1.29
N PRO A 100 -7.17 -8.21 -2.21
CA PRO A 100 -7.94 -8.68 -3.37
C PRO A 100 -9.07 -9.60 -2.99
N LEU A 101 -10.19 -9.49 -3.70
CA LEU A 101 -11.27 -10.45 -3.59
C LEU A 101 -10.87 -11.80 -4.20
N GLN A 102 -11.54 -12.86 -3.76
CA GLN A 102 -11.26 -14.20 -4.30
C GLN A 102 -11.29 -14.22 -5.84
N SER A 103 -12.28 -13.53 -6.41
CA SER A 103 -12.46 -13.47 -7.85
C SER A 103 -11.33 -12.72 -8.55
N GLN A 104 -10.54 -11.96 -7.78
CA GLN A 104 -9.53 -11.08 -8.36
C GLN A 104 -8.12 -11.65 -8.30
N LEU A 105 -7.97 -12.86 -7.77
CA LEU A 105 -6.63 -13.36 -7.46
C LEU A 105 -5.74 -13.52 -8.69
N GLU A 106 -6.29 -14.04 -9.78
CA GLU A 106 -5.47 -14.18 -10.98
C GLU A 106 -4.97 -12.82 -11.46
N SER A 107 -5.88 -11.84 -11.50
CA SER A 107 -5.48 -10.51 -11.95
C SER A 107 -4.45 -9.86 -11.00
N HIS A 108 -4.66 -10.08 -9.70
CA HIS A 108 -3.75 -9.59 -8.65
C HIS A 108 -2.35 -10.17 -8.84
N PHE A 109 -2.26 -11.49 -9.02
CA PHE A 109 -0.97 -12.13 -9.29
C PHE A 109 -0.31 -11.62 -10.58
N ARG A 110 -1.11 -11.41 -11.63
CA ARG A 110 -0.55 -10.86 -12.86
C ARG A 110 0.02 -9.45 -12.61
N MET A 111 -0.70 -8.65 -11.82
CA MET A 111 -0.20 -7.31 -11.43
C MET A 111 1.15 -7.45 -10.73
N LEU A 112 1.23 -8.35 -9.75
CA LEU A 112 2.45 -8.53 -8.96
C LEU A 112 3.64 -8.93 -9.85
N ALA A 113 3.37 -9.86 -10.76
CA ALA A 113 4.39 -10.33 -11.69
C ALA A 113 4.84 -9.26 -12.68
N GLU A 114 3.88 -8.61 -13.34
CA GLU A 114 4.22 -7.61 -14.37
C GLU A 114 4.97 -6.41 -13.79
N ASN A 115 4.67 -6.09 -12.53
CA ASN A 115 5.34 -5.01 -11.80
C ASN A 115 6.75 -5.41 -11.32
N ARG A 116 7.10 -6.70 -11.46
CA ARG A 116 8.37 -7.22 -10.89
C ARG A 116 8.49 -6.79 -9.43
N THR A 117 7.40 -6.99 -8.71
CA THR A 117 7.22 -6.41 -7.37
C THR A 117 8.42 -6.70 -6.47
N PRO A 118 9.13 -5.63 -6.02
CA PRO A 118 10.28 -5.82 -5.13
C PRO A 118 9.90 -6.14 -3.68
N VAL A 119 8.68 -5.78 -3.29
CA VAL A 119 8.14 -6.21 -1.98
C VAL A 119 6.62 -6.06 -1.98
N LEU A 120 5.93 -7.04 -1.42
CA LEU A 120 4.49 -6.97 -1.19
C LEU A 120 4.35 -6.87 0.33
N ALA A 121 3.79 -5.76 0.82
CA ALA A 121 3.59 -5.58 2.24
C ALA A 121 2.12 -5.79 2.54
N VAL A 122 1.82 -6.83 3.34
CA VAL A 122 0.43 -7.11 3.70
C VAL A 122 0.22 -6.74 5.18
N LEU A 123 -0.68 -5.78 5.42
CA LEU A 123 -0.85 -5.19 6.75
C LEU A 123 -2.14 -5.66 7.41
N ALA A 124 -2.85 -6.56 6.75
CA ALA A 124 -4.01 -7.19 7.34
C ALA A 124 -3.50 -8.34 8.23
N SER A 125 -4.09 -8.51 9.42
CA SER A 125 -3.61 -9.49 10.36
C SER A 125 -4.05 -10.91 10.01
N SER A 126 -3.38 -11.89 10.59
CA SER A 126 -3.82 -13.27 10.49
C SER A 126 -5.27 -13.44 10.98
N SER A 127 -5.64 -12.73 12.06
CA SER A 127 -7.01 -12.78 12.59
C SER A 127 -8.05 -12.34 11.57
N GLU A 128 -7.73 -11.24 10.88
CA GLU A 128 -8.61 -10.74 9.83
C GLU A 128 -8.72 -11.76 8.70
N ILE A 129 -7.59 -12.27 8.24
CA ILE A 129 -7.59 -13.22 7.11
C ILE A 129 -8.36 -14.50 7.47
N ALA A 130 -8.29 -14.89 8.74
CA ALA A 130 -8.91 -16.14 9.23
C ALA A 130 -10.43 -16.01 9.37
N ASN A 131 -10.92 -14.78 9.47
CA ASN A 131 -12.33 -14.53 9.62
C ASN A 131 -13.01 -14.68 8.26
N GLN A 132 -13.63 -15.83 8.03
CA GLN A 132 -14.13 -16.10 6.67
C GLN A 132 -15.28 -15.18 6.25
N ARG A 133 -15.92 -14.52 7.22
CA ARG A 133 -16.95 -13.52 6.95
C ARG A 133 -16.36 -12.35 6.14
N PHE A 134 -15.06 -12.13 6.30
CA PHE A 134 -14.37 -10.99 5.66
C PHE A 134 -13.98 -11.21 4.20
N GLY A 135 -13.97 -12.46 3.72
CA GLY A 135 -13.64 -12.74 2.30
C GLY A 135 -12.25 -12.29 1.90
N MET A 136 -11.28 -12.59 2.75
CA MET A 136 -9.87 -12.25 2.49
C MET A 136 -9.06 -13.55 2.28
N PRO A 137 -8.88 -13.96 1.01
CA PRO A 137 -8.22 -15.23 0.71
C PRO A 137 -6.76 -15.26 1.18
N ASP A 138 -6.34 -16.40 1.72
CA ASP A 138 -5.00 -16.58 2.28
C ASP A 138 -4.05 -16.87 1.11
N TYR A 139 -3.87 -15.87 0.25
CA TYR A 139 -3.29 -16.07 -1.06
C TYR A 139 -1.76 -16.08 -1.10
N PHE A 140 -1.14 -15.66 0.00
CA PHE A 140 0.31 -15.55 0.00
C PHE A 140 1.01 -16.52 0.96
N ARG A 141 0.25 -17.14 1.87
CA ARG A 141 0.83 -18.12 2.80
C ARG A 141 0.64 -19.57 2.36
N GLN A 142 -0.09 -19.73 1.28
CA GLN A 142 -0.35 -21.02 0.73
C GLN A 142 -0.08 -20.98 -0.76
N SER A 143 0.22 -22.15 -1.32
CA SER A 143 0.40 -22.27 -2.76
C SER A 143 -0.93 -22.56 -3.45
N GLY A 144 -1.00 -22.32 -4.76
CA GLY A 144 -2.24 -22.57 -5.46
C GLY A 144 -2.17 -22.28 -6.94
N THR A 145 -3.23 -22.63 -7.66
CA THR A 145 -3.34 -22.28 -9.06
C THR A 145 -4.63 -21.48 -9.25
N TYR A 146 -4.49 -20.38 -9.96
CA TYR A 146 -5.55 -19.40 -10.15
C TYR A 146 -5.63 -19.12 -11.65
N GLY A 147 -6.63 -19.71 -12.32
CA GLY A 147 -6.67 -19.63 -13.78
C GLY A 147 -5.38 -20.20 -14.36
N SER A 148 -4.64 -19.39 -15.10
CA SER A 148 -3.42 -19.85 -15.79
C SER A 148 -2.16 -19.72 -14.92
N ILE A 149 -2.31 -19.11 -13.75
CA ILE A 149 -1.15 -18.76 -12.93
C ILE A 149 -0.99 -19.73 -11.77
N THR A 150 0.22 -20.27 -11.61
CA THR A 150 0.54 -21.16 -10.50
C THR A 150 1.47 -20.42 -9.53
N VAL A 151 1.16 -20.49 -8.24
CA VAL A 151 1.89 -19.72 -7.24
C VAL A 151 2.42 -20.66 -6.16
N GLU A 152 3.70 -20.52 -5.84
CA GLU A 152 4.30 -21.28 -4.78
C GLU A 152 4.74 -20.31 -3.69
N SER A 153 4.29 -20.59 -2.47
CA SER A 153 4.67 -19.80 -1.30
C SER A 153 5.74 -20.53 -0.48
N LYS A 154 6.77 -19.80 -0.07
CA LYS A 154 7.81 -20.33 0.81
C LYS A 154 8.00 -19.37 1.98
N MET A 155 8.16 -19.90 3.19
CA MET A 155 8.48 -19.09 4.36
C MET A 155 9.95 -18.69 4.39
N THR A 156 10.21 -17.42 4.72
CA THR A 156 11.58 -16.95 4.88
C THR A 156 11.78 -16.46 6.32
N GLN A 157 12.29 -15.26 6.51
CA GLN A 157 12.67 -14.82 7.85
C GLN A 157 11.48 -14.22 8.62
N GLN A 158 11.68 -13.92 9.91
CA GLN A 158 10.70 -13.22 10.72
C GLN A 158 11.45 -12.10 11.42
N VAL A 159 10.88 -10.90 11.41
CA VAL A 159 11.54 -9.70 11.95
C VAL A 159 10.62 -8.97 12.92
N GLY A 160 11.08 -8.82 14.17
CA GLY A 160 10.32 -8.08 15.18
C GLY A 160 10.32 -6.60 14.85
N LEU A 161 9.18 -5.93 15.09
CA LEU A 161 9.02 -4.51 14.77
C LEU A 161 8.86 -3.60 15.98
N GLY A 162 8.83 -4.19 17.17
CA GLY A 162 8.58 -3.44 18.41
C GLY A 162 7.19 -3.75 18.94
N ASP A 163 7.01 -3.61 20.25
CA ASP A 163 5.70 -3.82 20.90
C ASP A 163 5.11 -5.22 20.64
N GLY A 164 5.98 -6.19 20.41
CA GLY A 164 5.55 -7.55 20.08
C GLY A 164 5.00 -7.75 18.68
N ILE A 165 4.97 -6.68 17.87
CA ILE A 165 4.52 -6.77 16.48
C ILE A 165 5.58 -7.48 15.65
N MET A 166 5.14 -8.47 14.86
CA MET A 166 6.05 -9.35 14.12
C MET A 166 5.77 -9.35 12.64
N ALA A 167 6.82 -9.14 11.85
CA ALA A 167 6.72 -9.31 10.41
C ALA A 167 7.16 -10.71 10.01
N ASP A 168 6.24 -11.47 9.42
CA ASP A 168 6.58 -12.78 8.84
C ASP A 168 6.82 -12.60 7.37
N MET A 169 7.94 -13.13 6.88
CA MET A 169 8.30 -12.98 5.48
C MET A 169 8.16 -14.25 4.67
N TYR A 170 7.82 -14.08 3.40
CA TYR A 170 7.60 -15.19 2.46
C TYR A 170 8.20 -14.81 1.12
N THR A 171 8.32 -15.79 0.23
CA THR A 171 8.53 -15.49 -1.17
C THR A 171 7.43 -16.16 -1.94
N LEU A 172 6.86 -15.44 -2.89
CA LEU A 172 5.85 -16.00 -3.79
C LEU A 172 6.43 -16.16 -5.16
N THR A 173 6.47 -17.39 -5.64
CA THR A 173 6.96 -17.62 -7.00
C THR A 173 5.73 -17.75 -7.90
N ILE A 174 5.64 -16.87 -8.89
CA ILE A 174 4.48 -16.77 -9.77
C ILE A 174 4.88 -17.25 -11.15
N ARG A 175 4.25 -18.36 -11.57
CA ARG A 175 4.54 -18.99 -12.85
C ARG A 175 3.32 -18.97 -13.77
N GLU A 176 3.56 -18.72 -15.04
CA GLU A 176 2.47 -18.69 -16.02
C GLU A 176 3.06 -18.92 -17.40
N ALA A 177 2.48 -19.84 -18.17
CA ALA A 177 2.96 -20.05 -19.53
C ALA A 177 2.94 -18.74 -20.32
N GLY A 178 4.00 -18.47 -21.08
CA GLY A 178 4.10 -17.23 -21.87
C GLY A 178 4.66 -16.03 -21.12
N GLN A 179 4.85 -16.20 -19.81
CA GLN A 179 5.35 -15.15 -18.92
C GLN A 179 6.65 -15.57 -18.23
N LYS A 180 7.53 -14.63 -17.98
CA LYS A 180 8.66 -14.93 -17.17
C LYS A 180 8.22 -15.18 -15.73
N THR A 181 8.89 -16.12 -15.10
CA THR A 181 8.60 -16.44 -13.70
C THR A 181 9.17 -15.33 -12.82
N ILE A 182 8.38 -14.92 -11.83
CA ILE A 182 8.73 -13.81 -10.94
C ILE A 182 8.58 -14.26 -9.50
N SER A 183 9.58 -13.98 -8.66
CA SER A 183 9.46 -14.23 -7.24
C SER A 183 9.34 -12.92 -6.53
N VAL A 184 8.35 -12.83 -5.64
CA VAL A 184 8.00 -11.61 -4.93
C VAL A 184 8.24 -11.80 -3.43
N PRO A 185 9.13 -10.98 -2.81
CA PRO A 185 9.24 -11.01 -1.36
C PRO A 185 7.97 -10.46 -0.74
N VAL A 186 7.54 -11.09 0.35
CA VAL A 186 6.33 -10.67 1.08
C VAL A 186 6.70 -10.34 2.53
N VAL A 187 6.21 -9.20 3.01
CA VAL A 187 6.33 -8.82 4.41
C VAL A 187 4.90 -8.80 4.96
N HIS A 188 4.57 -9.78 5.81
CA HIS A 188 3.23 -9.86 6.37
C HIS A 188 3.25 -9.54 7.85
N VAL A 189 2.58 -8.46 8.25
CA VAL A 189 2.49 -8.13 9.66
C VAL A 189 1.32 -8.92 10.24
N GLY A 190 1.61 -10.17 10.64
CA GLY A 190 0.60 -11.15 11.01
C GLY A 190 -0.25 -10.76 12.21
N ASN A 191 0.31 -9.94 13.09
CA ASN A 191 -0.44 -9.43 14.26
C ASN A 191 -0.61 -7.90 14.28
N PHE A 192 -0.78 -7.29 13.10
CA PHE A 192 -1.05 -5.84 12.95
C PHE A 192 -2.47 -5.55 13.44
N PRO A 193 -2.61 -4.75 14.52
CA PRO A 193 -3.97 -4.43 15.00
C PRO A 193 -4.79 -3.65 13.98
N ASP A 194 -6.09 -3.85 13.98
CA ASP A 194 -7.01 -3.02 13.22
C ASP A 194 -7.85 -2.14 14.15
N GLN A 195 -7.92 -2.50 15.43
CA GLN A 195 -8.73 -1.73 16.41
C GLN A 195 -7.99 -0.51 16.97
N THR A 196 -6.66 -0.56 16.92
CA THR A 196 -5.81 0.52 17.39
C THR A 196 -4.72 0.80 16.37
N ALA A 197 -4.16 2.01 16.38
CA ALA A 197 -3.01 2.32 15.52
C ALA A 197 -1.72 1.82 16.14
N VAL A 198 -0.77 1.39 15.30
CA VAL A 198 0.57 1.11 15.79
C VAL A 198 1.35 2.41 15.96
N SER A 199 2.31 2.40 16.86
CA SER A 199 3.11 3.58 17.15
C SER A 199 3.97 4.03 15.96
N SER A 200 4.44 5.28 16.05
CA SER A 200 5.41 5.81 15.10
C SER A 200 6.66 4.93 15.06
N GLU A 201 7.08 4.39 16.21
CA GLU A 201 8.30 3.55 16.29
C GLU A 201 8.13 2.25 15.51
N VAL A 202 6.99 1.58 15.72
CA VAL A 202 6.65 0.37 14.94
C VAL A 202 6.53 0.71 13.44
N THR A 203 5.87 1.83 13.13
CA THR A 203 5.68 2.25 11.75
C THR A 203 7.03 2.49 11.05
N LYS A 204 7.94 3.14 11.75
CA LYS A 204 9.30 3.41 11.24
C LYS A 204 10.03 2.10 10.95
N ALA A 205 9.94 1.16 11.89
CA ALA A 205 10.60 -0.15 11.80
C ALA A 205 10.05 -0.87 10.58
N LEU A 206 8.74 -0.78 10.39
CA LEU A 206 8.09 -1.46 9.27
C LEU A 206 8.51 -0.83 7.96
N ALA A 207 8.50 0.50 7.90
CA ALA A 207 8.95 1.20 6.69
C ALA A 207 10.38 0.85 6.31
N SER A 208 11.28 0.77 7.30
CA SER A 208 12.68 0.40 7.06
C SER A 208 12.79 -1.03 6.51
N LEU A 209 12.03 -1.95 7.10
CA LEU A 209 12.03 -3.34 6.64
C LEU A 209 11.52 -3.43 5.20
N VAL A 210 10.39 -2.79 4.93
CA VAL A 210 9.79 -2.83 3.59
C VAL A 210 10.75 -2.19 2.57
N ASP A 211 11.28 -1.01 2.89
CA ASP A 211 12.28 -0.35 2.04
C ASP A 211 13.52 -1.24 1.78
N GLN A 212 14.06 -1.84 2.83
CA GLN A 212 15.27 -2.66 2.74
C GLN A 212 15.00 -3.88 1.85
N THR A 213 13.87 -4.53 2.11
CA THR A 213 13.48 -5.69 1.30
C THR A 213 13.32 -5.31 -0.20
N ALA A 214 12.66 -4.20 -0.47
CA ALA A 214 12.54 -3.71 -1.85
C ALA A 214 13.91 -3.40 -2.46
N GLU A 215 14.78 -2.76 -1.69
CA GLU A 215 16.12 -2.42 -2.17
C GLU A 215 16.91 -3.65 -2.61
N THR A 216 16.89 -4.69 -1.78
CA THR A 216 17.62 -5.92 -2.10
C THR A 216 17.09 -6.54 -3.40
N LYS A 217 15.77 -6.66 -3.48
CA LYS A 217 15.16 -7.24 -4.67
C LYS A 217 15.39 -6.39 -5.92
N ARG A 218 15.21 -5.08 -5.82
CA ARG A 218 15.45 -4.18 -6.96
C ARG A 218 16.90 -4.28 -7.44
N ASN A 219 17.83 -4.39 -6.49
CA ASN A 219 19.24 -4.55 -6.83
C ASN A 219 19.50 -5.80 -7.68
N MET A 220 18.84 -6.90 -7.30
CA MET A 220 18.94 -8.13 -8.07
C MET A 220 18.54 -7.88 -9.54
N TYR A 221 17.39 -7.23 -9.75
CA TYR A 221 16.92 -6.93 -11.11
C TYR A 221 17.92 -6.05 -11.85
N GLU A 222 18.44 -5.04 -11.15
CA GLU A 222 19.44 -4.15 -11.73
C GLU A 222 20.69 -4.94 -12.17
N SER A 223 21.12 -5.87 -11.33
CA SER A 223 22.30 -6.70 -11.63
C SER A 223 22.10 -7.61 -12.85
N LYS A 224 20.85 -7.89 -13.19
CA LYS A 224 20.52 -8.73 -14.36
C LYS A 224 20.21 -7.89 -15.58
N GLY A 225 20.32 -6.57 -15.45
CA GLY A 225 19.97 -5.65 -16.54
C GLY A 225 18.49 -5.70 -16.94
N SER A 226 17.60 -5.88 -15.96
CA SER A 226 16.16 -5.92 -16.24
C SER A 226 15.69 -4.63 -16.91
N SER A 227 14.82 -4.76 -17.92
CA SER A 227 14.24 -3.59 -18.57
C SER A 227 13.22 -2.86 -17.68
N ALA A 228 12.78 -3.52 -16.61
CA ALA A 228 11.84 -2.91 -15.65
C ALA A 228 12.41 -1.69 -14.91
N VAL A 229 13.73 -1.60 -14.83
CA VAL A 229 14.39 -0.46 -14.16
C VAL A 229 14.11 0.87 -14.86
N ALA A 230 13.91 0.82 -16.19
CA ALA A 230 13.66 2.02 -17.00
C ALA A 230 12.18 2.39 -17.08
N ASP A 231 11.33 1.61 -16.41
CA ASP A 231 9.90 1.76 -16.54
C ASP A 231 9.29 2.26 -15.22
N ASP A 232 8.73 3.47 -15.28
CA ASP A 232 8.11 4.18 -14.14
C ASP A 232 6.97 3.39 -13.48
N SER A 233 6.29 2.55 -14.27
CA SER A 233 5.13 1.82 -13.77
C SER A 233 5.53 0.53 -13.04
N LYS A 234 6.83 0.21 -13.06
CA LYS A 234 7.29 -1.06 -12.51
C LYS A 234 8.28 -0.89 -11.35
N LEU A 235 8.55 -2.01 -10.68
CA LEU A 235 9.43 -2.09 -9.51
C LEU A 235 8.90 -1.30 -8.31
N ARG A 236 7.56 -1.20 -8.23
CA ARG A 236 6.89 -0.50 -7.14
C ARG A 236 6.57 -1.43 -5.98
N PRO A 237 6.95 -1.06 -4.74
CA PRO A 237 6.39 -1.79 -3.60
C PRO A 237 4.87 -1.80 -3.70
N VAL A 238 4.28 -2.96 -3.40
CA VAL A 238 2.83 -3.08 -3.36
C VAL A 238 2.38 -3.23 -1.91
N ILE A 239 1.42 -2.38 -1.50
CA ILE A 239 1.01 -2.30 -0.09
C ILE A 239 -0.49 -2.43 0.03
N HIS A 240 -0.94 -3.35 0.87
CA HIS A 240 -2.38 -3.42 1.17
C HIS A 240 -2.65 -3.90 2.58
N CYS A 241 -3.73 -3.40 3.15
CA CYS A 241 -4.27 -3.92 4.39
C CYS A 241 -5.58 -4.65 4.05
N ARG A 242 -6.71 -4.25 4.63
CA ARG A 242 -8.01 -4.77 4.18
C ARG A 242 -8.63 -3.84 3.12
N ALA A 243 -8.81 -2.57 3.46
CA ALA A 243 -9.34 -1.56 2.53
C ALA A 243 -8.29 -0.80 1.71
N GLY A 244 -7.05 -0.74 2.21
CA GLY A 244 -5.98 -0.04 1.49
C GLY A 244 -6.05 1.47 1.62
N VAL A 245 -6.59 1.96 2.74
CA VAL A 245 -6.70 3.41 2.99
C VAL A 245 -6.21 3.87 4.37
N GLY A 246 -6.01 2.93 5.29
CA GLY A 246 -5.69 3.30 6.69
C GLY A 246 -4.27 2.91 6.99
N ARG A 247 -4.10 1.67 7.45
CA ARG A 247 -2.78 1.11 7.67
C ARG A 247 -1.87 1.28 6.47
N THR A 248 -2.42 1.01 5.28
CA THR A 248 -1.68 1.17 4.03
C THR A 248 -1.15 2.60 3.85
N ALA A 249 -2.01 3.57 4.09
CA ALA A 249 -1.63 4.99 3.92
C ALA A 249 -0.63 5.44 4.97
N GLN A 250 -0.82 4.97 6.19
CA GLN A 250 0.12 5.24 7.26
C GLN A 250 1.53 4.73 6.89
N LEU A 251 1.61 3.51 6.36
CA LEU A 251 2.90 2.96 5.92
C LEU A 251 3.51 3.75 4.75
N ILE A 252 2.70 4.05 3.75
CA ILE A 252 3.20 4.79 2.58
C ILE A 252 3.72 6.16 3.00
N GLY A 253 3.02 6.85 3.90
CA GLY A 253 3.51 8.10 4.48
C GLY A 253 4.88 7.94 5.14
N ALA A 254 5.03 6.90 5.96
CA ALA A 254 6.30 6.65 6.62
C ALA A 254 7.41 6.33 5.62
N MET A 255 7.08 5.57 4.58
CA MET A 255 8.06 5.20 3.56
C MET A 255 8.54 6.45 2.82
N CYS A 256 7.62 7.35 2.52
CA CYS A 256 8.02 8.55 1.81
C CYS A 256 8.92 9.44 2.68
N MET A 257 8.71 9.40 4.00
CA MET A 257 9.57 10.17 4.89
C MET A 257 10.96 9.55 5.04
N ASN A 258 11.06 8.27 4.71
CA ASN A 258 12.31 7.52 4.73
C ASN A 258 13.16 7.76 3.47
N ASP A 259 12.56 8.42 2.47
CA ASP A 259 13.19 8.61 1.15
C ASP A 259 13.97 9.92 1.16
N SER A 260 15.29 9.81 1.00
CA SER A 260 16.17 10.98 1.06
C SER A 260 15.89 12.05 0.00
N ARG A 261 15.11 11.70 -1.03
CA ARG A 261 14.78 12.62 -2.11
C ARG A 261 13.64 13.58 -1.75
N ASN A 262 12.97 13.33 -0.63
CA ASN A 262 11.72 14.04 -0.33
C ASN A 262 11.82 15.19 0.68
N SER A 263 13.00 15.83 0.78
CA SER A 263 13.15 16.99 1.67
C SER A 263 12.08 18.04 1.36
N GLN A 264 11.50 18.59 2.43
CA GLN A 264 10.49 19.66 2.37
C GLN A 264 9.09 19.26 1.91
N LEU A 265 8.91 18.00 1.53
CA LEU A 265 7.56 17.51 1.23
C LEU A 265 6.76 17.53 2.54
N SER A 266 5.64 18.25 2.58
CA SER A 266 4.90 18.44 3.84
C SER A 266 3.93 17.28 4.05
N VAL A 267 3.38 17.18 5.26
CA VAL A 267 2.34 16.19 5.53
C VAL A 267 1.10 16.51 4.68
N GLU A 268 0.78 17.80 4.56
CA GLU A 268 -0.31 18.21 3.65
C GLU A 268 -0.09 17.66 2.25
N ASP A 269 1.13 17.83 1.72
CA ASP A 269 1.46 17.29 0.39
C ASP A 269 1.27 15.79 0.32
N MET A 270 1.82 15.06 1.29
CA MET A 270 1.81 13.59 1.16
C MET A 270 0.37 13.06 1.21
N VAL A 271 -0.43 13.60 2.14
CA VAL A 271 -1.81 13.12 2.25
C VAL A 271 -2.66 13.55 1.08
N SER A 272 -2.52 14.80 0.63
CA SER A 272 -3.28 15.25 -0.53
C SER A 272 -2.91 14.43 -1.76
N GLN A 273 -1.62 14.09 -1.90
CA GLN A 273 -1.17 13.27 -3.05
C GLN A 273 -1.78 11.88 -3.01
N MET A 274 -1.78 11.25 -1.84
CA MET A 274 -2.39 9.93 -1.67
C MET A 274 -3.89 9.97 -2.00
N ARG A 275 -4.55 11.04 -1.56
CA ARG A 275 -5.98 11.18 -1.80
C ARG A 275 -6.33 11.40 -3.27
N VAL A 276 -5.61 12.31 -3.95
CA VAL A 276 -5.89 12.57 -5.34
C VAL A 276 -5.57 11.34 -6.23
N GLN A 277 -4.64 10.52 -5.76
CA GLN A 277 -4.16 9.38 -6.55
C GLN A 277 -4.82 8.04 -6.22
N ARG A 278 -5.67 8.01 -5.20
CA ARG A 278 -6.37 6.76 -4.85
C ARG A 278 -7.83 7.04 -4.49
N ASN A 279 -8.06 7.68 -3.35
CA ASN A 279 -9.40 8.18 -2.99
C ASN A 279 -9.30 9.11 -1.79
N GLY A 280 -10.40 9.78 -1.47
CA GLY A 280 -10.38 10.81 -0.45
C GLY A 280 -10.27 10.31 0.99
N ILE A 281 -10.28 8.98 1.16
CA ILE A 281 -10.22 8.33 2.46
C ILE A 281 -8.78 7.98 2.86
N MET A 282 -7.82 8.15 1.96
CA MET A 282 -6.43 7.82 2.30
C MET A 282 -5.99 8.54 3.57
N VAL A 283 -5.44 7.75 4.50
CA VAL A 283 -5.20 8.16 5.90
C VAL A 283 -6.57 8.43 6.51
N GLN A 284 -7.31 7.36 6.72
CA GLN A 284 -8.73 7.44 7.06
C GLN A 284 -8.98 8.06 8.43
N LYS A 285 -8.13 7.68 9.40
CA LYS A 285 -8.39 7.97 10.81
C LYS A 285 -7.44 9.00 11.37
N ASP A 286 -7.92 9.76 12.34
CA ASP A 286 -7.10 10.79 12.98
C ASP A 286 -5.91 10.13 13.68
N GLU A 287 -6.14 8.90 14.16
CA GLU A 287 -5.14 8.08 14.86
C GLU A 287 -3.93 7.77 13.97
N GLN A 288 -4.20 7.56 12.69
CA GLN A 288 -3.16 7.32 11.69
C GLN A 288 -2.42 8.61 11.31
N LEU A 289 -3.18 9.68 11.12
CA LEU A 289 -2.60 10.98 10.85
C LEU A 289 -1.68 11.42 12.00
N ASP A 290 -2.07 11.13 13.25
CA ASP A 290 -1.22 11.46 14.40
C ASP A 290 0.17 10.86 14.25
N VAL A 291 0.24 9.63 13.77
CA VAL A 291 1.53 8.98 13.56
C VAL A 291 2.38 9.70 12.52
N LEU A 292 1.78 10.04 11.38
CA LEU A 292 2.48 10.79 10.33
C LEU A 292 2.99 12.12 10.88
N ILE A 293 2.15 12.81 11.65
CA ILE A 293 2.52 14.11 12.25
C ILE A 293 3.72 13.94 13.18
N LYS A 294 3.69 12.91 14.04
CA LYS A 294 4.82 12.65 14.93
C LYS A 294 6.13 12.36 14.17
N LEU A 295 6.04 11.54 13.12
CA LEU A 295 7.18 11.23 12.27
C LEU A 295 7.72 12.51 11.62
N ALA A 296 6.82 13.35 11.13
CA ALA A 296 7.24 14.61 10.49
C ALA A 296 7.93 15.48 11.51
N GLU A 297 7.32 15.59 12.69
CA GLU A 297 7.89 16.42 13.75
C GLU A 297 9.31 15.97 14.08
N GLY A 298 9.53 14.65 14.13
CA GLY A 298 10.85 14.09 14.40
C GLY A 298 11.92 14.50 13.41
N GLN A 299 11.51 14.76 12.18
CA GLN A 299 12.43 15.14 11.12
C GLN A 299 12.51 16.65 10.92
N GLY A 300 11.70 17.41 11.66
CA GLY A 300 11.53 18.84 11.39
C GLY A 300 10.89 19.14 10.04
N ARG A 301 10.08 18.20 9.56
CA ARG A 301 9.37 18.32 8.28
C ARG A 301 8.10 19.12 8.48
N PRO A 302 7.76 20.00 7.52
CA PRO A 302 6.54 20.83 7.72
C PRO A 302 5.23 20.05 7.68
N LEU A 303 4.25 20.46 8.47
CA LEU A 303 2.90 19.87 8.38
C LEU A 303 2.10 20.49 7.25
N LEU A 304 2.21 21.80 7.13
CA LEU A 304 1.41 22.61 6.22
C LEU A 304 2.26 23.26 5.13
N ASN A 305 1.62 23.56 4.00
CA ASN A 305 2.24 24.37 2.97
C ASN A 305 1.97 25.86 3.23
N SER A 306 3.00 26.67 3.01
CA SER A 306 2.89 28.14 3.12
C SER A 306 1.94 28.70 2.09
W WO4 B . -7.65 -0.36 6.58
O1 WO4 B . -9.29 0.26 7.51
O2 WO4 B . -8.01 -2.29 6.23
O3 WO4 B . -6.18 -0.05 7.91
O4 WO4 B . -7.54 0.77 4.92
W WO4 C . 13.47 -9.11 -17.96
O1 WO4 C . 13.34 -8.61 -15.98
O2 WO4 C . 14.45 -10.89 -18.14
O3 WO4 C . 14.44 -7.60 -18.96
O4 WO4 C . 11.56 -9.19 -18.70
#